data_3JYO
#
_entry.id   3JYO
#
_cell.length_a   121.45
_cell.length_b   63.28
_cell.length_c   36.34
_cell.angle_alpha   90.00
_cell.angle_beta   94.46
_cell.angle_gamma   90.00
#
_symmetry.space_group_name_H-M   'C 1 2 1'
#
loop_
_entity.id
_entity.type
_entity.pdbx_description
1 polymer 'Quinate/shikimate dehydrogenase'
2 non-polymer NICOTINAMIDE-ADENINE-DINUCLEOTIDE
3 water water
#
_entity_poly.entity_id   1
_entity_poly.type   'polypeptide(L)'
_entity_poly.pdbx_seq_one_letter_code
;MNDSILLGLIGQGLDLSRTPAMHEAEGLAQGRATVYRRIDTLGSRASGQDLKTLLDAALYLGFNGLNITHPYKQAVLPLL
DEVSEQATQLGAVNTVVIDATGHTTGHNTDVSGFGRGMEEGLPNAKLDSVVQVGAGGVGNAVAYALVTHGVQKLQVADLD
TSRAQALADVINNAVGREAVVGVDARGIEDVIAAADGVVNATPMGMPAHPGTAFDVSCLTKDHWVGDVVYMPIETELLKA
ARALGCETLDGTRMAIHQAVDAFRLFTGLEPDVSRMRETFLSL
;
_entity_poly.pdbx_strand_id   A
#
loop_
_chem_comp.id
_chem_comp.type
_chem_comp.name
_chem_comp.formula
NAD non-polymer NICOTINAMIDE-ADENINE-DINUCLEOTIDE 'C21 H27 N7 O14 P2'
#
# COMPACT_ATOMS: atom_id res chain seq x y z
N ASN A 2 -16.98 14.50 19.81
CA ASN A 2 -18.04 13.44 19.78
C ASN A 2 -19.03 13.60 18.61
N ASP A 3 -18.67 14.53 17.66
CA ASP A 3 -19.31 14.57 16.31
C ASP A 3 -19.07 13.26 15.58
N SER A 4 -20.09 12.77 14.93
CA SER A 4 -19.99 11.58 14.16
C SER A 4 -19.11 11.71 12.92
N ILE A 5 -18.54 10.59 12.48
CA ILE A 5 -17.52 10.57 11.44
C ILE A 5 -18.08 9.74 10.28
N LEU A 6 -17.90 10.25 9.06
CA LEU A 6 -18.44 9.64 7.81
C LEU A 6 -17.32 9.49 6.79
N LEU A 7 -17.06 8.23 6.41
CA LEU A 7 -15.92 7.93 5.56
C LEU A 7 -16.41 6.90 4.49
N GLY A 8 -15.61 6.73 3.44
CA GLY A 8 -15.89 5.66 2.49
C GLY A 8 -14.69 5.35 1.62
N LEU A 9 -14.85 4.30 0.80
CA LEU A 9 -13.80 3.74 -0.03
C LEU A 9 -14.33 3.70 -1.47
N ILE A 10 -13.73 4.40 -2.43
CA ILE A 10 -14.08 4.33 -3.85
C ILE A 10 -13.13 3.37 -4.54
N GLY A 11 -13.72 2.35 -5.17
CA GLY A 11 -12.92 1.29 -5.80
C GLY A 11 -13.83 0.30 -6.44
N GLN A 12 -13.25 -0.85 -6.81
CA GLN A 12 -13.95 -1.94 -7.49
C GLN A 12 -13.80 -3.25 -6.74
N GLY A 13 -14.93 -3.92 -6.51
CA GLY A 13 -14.90 -5.25 -5.92
C GLY A 13 -14.51 -5.27 -4.46
N LEU A 14 -15.27 -4.53 -3.68
CA LEU A 14 -14.88 -4.16 -2.31
C LEU A 14 -15.50 -5.01 -1.18
N ASP A 15 -16.30 -6.04 -1.51
CA ASP A 15 -17.10 -6.70 -0.48
C ASP A 15 -16.24 -7.23 0.65
N LEU A 16 -15.06 -7.76 0.33
CA LEU A 16 -14.22 -8.39 1.35
C LEU A 16 -13.19 -7.49 2.00
N SER A 17 -13.18 -6.20 1.67
CA SER A 17 -12.25 -5.31 2.29
C SER A 17 -12.43 -5.29 3.79
N ARG A 18 -11.30 -5.23 4.51
CA ARG A 18 -11.31 -5.15 5.98
C ARG A 18 -11.22 -3.67 6.45
N THR A 19 -11.06 -2.74 5.50
CA THR A 19 -10.86 -1.35 5.84
C THR A 19 -12.09 -0.73 6.52
N PRO A 20 -13.30 -0.93 5.98
CA PRO A 20 -14.48 -0.36 6.68
C PRO A 20 -14.56 -0.74 8.15
N ALA A 21 -14.40 -2.04 8.44
CA ALA A 21 -14.51 -2.53 9.80
C ALA A 21 -13.48 -1.91 10.73
N MET A 22 -12.23 -1.78 10.26
CA MET A 22 -11.18 -1.14 11.07
C MET A 22 -11.54 0.24 11.49
N HIS A 23 -11.99 1.07 10.53
CA HIS A 23 -12.33 2.47 10.85
C HIS A 23 -13.58 2.59 11.67
N GLU A 24 -14.62 1.81 11.36
CA GLU A 24 -15.85 1.89 12.18
C GLU A 24 -15.57 1.50 13.63
N ALA A 25 -14.76 0.46 13.86
CA ALA A 25 -14.44 0.04 15.24
C ALA A 25 -13.61 1.06 16.00
N GLU A 26 -12.65 1.69 15.32
CA GLU A 26 -11.76 2.62 16.02
C GLU A 26 -12.46 3.94 16.33
N GLY A 27 -13.31 4.42 15.43
CA GLY A 27 -14.11 5.60 15.75
C GLY A 27 -14.95 5.33 16.98
N LEU A 28 -15.65 4.19 17.00
CA LEU A 28 -16.48 3.87 18.15
C LEU A 28 -15.68 3.73 19.45
N ALA A 29 -14.49 3.13 19.36
CA ALA A 29 -13.64 2.99 20.54
C ALA A 29 -13.19 4.35 21.08
N GLN A 30 -13.17 5.35 20.21
CA GLN A 30 -12.84 6.72 20.62
C GLN A 30 -14.04 7.60 20.92
N GLY A 31 -15.21 6.96 20.99
CA GLY A 31 -16.45 7.63 21.37
C GLY A 31 -17.11 8.45 20.29
N ARG A 32 -16.91 8.05 19.03
N ARG A 32 -16.77 8.15 19.03
CA ARG A 32 -17.37 8.80 17.88
CA ARG A 32 -17.41 8.77 17.87
C ARG A 32 -18.08 7.86 16.89
C ARG A 32 -18.14 7.69 17.09
N ALA A 33 -19.41 7.92 16.86
CA ALA A 33 -20.18 7.04 15.93
C ALA A 33 -19.57 7.22 14.54
N THR A 34 -19.21 6.12 13.89
CA THR A 34 -18.45 6.19 12.64
C THR A 34 -19.06 5.24 11.62
N VAL A 35 -19.35 5.78 10.47
CA VAL A 35 -19.80 4.99 9.33
C VAL A 35 -18.73 5.03 8.26
N TYR A 36 -18.39 3.86 7.72
CA TYR A 36 -17.40 3.79 6.64
C TYR A 36 -18.07 2.90 5.52
N ARG A 37 -18.47 3.50 4.44
CA ARG A 37 -19.15 2.86 3.34
C ARG A 37 -18.25 2.49 2.18
N ARG A 38 -18.43 1.27 1.69
CA ARG A 38 -17.92 0.89 0.38
C ARG A 38 -18.67 1.78 -0.67
N ILE A 39 -17.94 2.24 -1.67
CA ILE A 39 -18.50 2.99 -2.80
C ILE A 39 -17.93 2.22 -4.04
N ASP A 40 -18.61 1.13 -4.37
CA ASP A 40 -18.02 0.10 -5.26
C ASP A 40 -18.64 0.29 -6.66
N THR A 41 -17.81 0.68 -7.61
CA THR A 41 -18.32 0.93 -8.94
C THR A 41 -18.64 -0.37 -9.71
N LEU A 42 -18.44 -1.53 -9.10
CA LEU A 42 -19.02 -2.78 -9.64
C LEU A 42 -20.31 -3.20 -8.96
N GLY A 43 -20.71 -2.48 -7.91
CA GLY A 43 -21.78 -2.88 -7.07
C GLY A 43 -23.07 -2.24 -7.38
N SER A 44 -24.00 -2.46 -6.45
CA SER A 44 -25.39 -2.13 -6.64
C SER A 44 -25.82 -0.70 -6.53
N ARG A 45 -24.99 0.15 -6.04
CA ARG A 45 -25.35 1.56 -5.85
C ARG A 45 -24.61 2.51 -6.83
N ALA A 46 -23.32 2.30 -7.00
CA ALA A 46 -22.44 3.26 -7.71
C ALA A 46 -21.96 2.84 -9.11
N SER A 47 -22.51 1.74 -9.65
N SER A 47 -22.39 1.70 -9.63
CA SER A 47 -22.11 1.30 -11.01
CA SER A 47 -21.89 1.27 -10.97
C SER A 47 -22.37 2.37 -12.06
C SER A 47 -22.37 2.22 -12.07
N GLY A 48 -21.47 2.49 -13.02
CA GLY A 48 -21.72 3.40 -14.12
C GLY A 48 -21.35 4.85 -13.83
N GLN A 49 -20.97 5.18 -12.58
CA GLN A 49 -20.69 6.54 -12.21
C GLN A 49 -19.20 6.82 -12.33
N ASP A 50 -18.90 8.02 -12.79
N ASP A 50 -18.85 7.99 -12.84
CA ASP A 50 -17.54 8.47 -12.92
CA ASP A 50 -17.45 8.35 -12.97
C ASP A 50 -16.95 8.75 -11.55
C ASP A 50 -16.92 8.87 -11.64
N LEU A 51 -15.63 8.70 -11.49
CA LEU A 51 -14.93 9.04 -10.27
C LEU A 51 -15.26 10.45 -9.78
N LYS A 52 -15.31 11.43 -10.69
N LYS A 52 -15.29 11.44 -10.67
CA LYS A 52 -15.61 12.83 -10.28
CA LYS A 52 -15.60 12.81 -10.24
C LYS A 52 -17.04 12.98 -9.70
C LYS A 52 -17.00 12.86 -9.60
N THR A 53 -17.98 12.20 -10.20
CA THR A 53 -19.34 12.25 -9.67
C THR A 53 -19.35 11.73 -8.22
N LEU A 54 -18.63 10.64 -7.97
CA LEU A 54 -18.61 10.03 -6.67
C LEU A 54 -17.85 10.89 -5.65
N LEU A 55 -16.71 11.41 -6.08
CA LEU A 55 -15.99 12.34 -5.20
C LEU A 55 -16.86 13.58 -4.84
N ASP A 56 -17.47 14.20 -5.84
CA ASP A 56 -18.35 15.34 -5.61
C ASP A 56 -19.49 15.00 -4.64
N ALA A 57 -20.08 13.85 -4.85
CA ALA A 57 -21.17 13.35 -3.97
C ALA A 57 -20.71 13.33 -2.51
N ALA A 58 -19.52 12.79 -2.27
CA ALA A 58 -18.98 12.76 -0.90
C ALA A 58 -18.85 14.13 -0.28
N LEU A 59 -18.41 15.08 -1.11
CA LEU A 59 -18.33 16.46 -0.62
C LEU A 59 -19.71 16.97 -0.20
N TYR A 60 -20.69 16.82 -1.10
CA TYR A 60 -21.99 17.40 -0.85
C TYR A 60 -22.69 16.80 0.36
N LEU A 61 -22.47 15.53 0.62
N LEU A 61 -22.44 15.50 0.58
CA LEU A 61 -23.28 14.87 1.63
CA LEU A 61 -23.15 14.67 1.59
C LEU A 61 -22.49 14.63 2.95
C LEU A 61 -22.57 14.73 3.00
N GLY A 62 -21.42 15.39 3.16
CA GLY A 62 -20.84 15.54 4.49
C GLY A 62 -19.79 14.51 4.87
N PHE A 63 -19.19 13.81 3.89
CA PHE A 63 -18.09 12.87 4.22
C PHE A 63 -16.91 13.70 4.74
N ASN A 64 -16.23 13.09 5.70
CA ASN A 64 -15.01 13.64 6.28
C ASN A 64 -13.73 13.12 5.59
N GLY A 65 -13.86 12.07 4.78
CA GLY A 65 -12.73 11.51 4.09
C GLY A 65 -13.12 10.31 3.25
N LEU A 66 -12.22 10.01 2.33
CA LEU A 66 -12.34 8.79 1.49
C LEU A 66 -11.01 8.10 1.43
N ASN A 67 -11.04 6.77 1.31
CA ASN A 67 -9.94 6.07 0.67
C ASN A 67 -10.27 5.82 -0.81
N ILE A 68 -9.22 5.64 -1.57
CA ILE A 68 -9.28 5.39 -3.00
C ILE A 68 -8.43 4.16 -3.31
N THR A 69 -9.01 3.21 -4.02
N THR A 69 -9.02 3.23 -4.06
CA THR A 69 -8.22 2.05 -4.42
CA THR A 69 -8.26 2.07 -4.45
C THR A 69 -8.40 1.82 -5.92
C THR A 69 -8.31 1.86 -5.97
N HIS A 70 -7.82 0.72 -6.41
CA HIS A 70 -7.76 0.43 -7.83
C HIS A 70 -9.15 0.52 -8.46
N PRO A 71 -9.23 1.08 -9.66
CA PRO A 71 -8.25 1.58 -10.58
C PRO A 71 -8.19 3.10 -10.53
N TYR A 72 -8.43 3.70 -9.34
CA TYR A 72 -8.60 5.13 -9.23
C TYR A 72 -7.46 5.93 -8.57
N LYS A 73 -6.38 5.33 -8.11
CA LYS A 73 -5.42 6.06 -7.26
C LYS A 73 -4.63 7.10 -8.05
N GLN A 74 -4.39 6.86 -9.33
CA GLN A 74 -3.78 7.88 -10.18
C GLN A 74 -4.79 8.94 -10.71
N ALA A 75 -5.96 8.46 -11.14
CA ALA A 75 -6.99 9.27 -11.76
C ALA A 75 -7.50 10.32 -10.79
N VAL A 76 -7.50 9.99 -9.51
CA VAL A 76 -8.05 10.94 -8.55
C VAL A 76 -7.22 12.19 -8.40
N LEU A 77 -5.89 12.15 -8.61
CA LEU A 77 -5.05 13.32 -8.28
C LEU A 77 -5.51 14.64 -8.86
N PRO A 78 -5.72 14.68 -10.17
CA PRO A 78 -6.10 15.98 -10.72
C PRO A 78 -7.47 16.53 -10.25
N LEU A 79 -8.29 15.69 -9.62
CA LEU A 79 -9.57 16.12 -9.13
C LEU A 79 -9.49 16.86 -7.79
N LEU A 80 -8.36 16.72 -7.11
CA LEU A 80 -8.25 17.23 -5.74
C LEU A 80 -7.76 18.63 -5.69
N ASP A 81 -8.08 19.35 -4.60
CA ASP A 81 -7.62 20.70 -4.43
C ASP A 81 -6.12 20.79 -4.06
N GLU A 82 -5.65 19.84 -3.25
N GLU A 82 -5.66 19.87 -3.20
CA GLU A 82 -4.27 19.79 -2.83
CA GLU A 82 -4.27 19.82 -2.79
C GLU A 82 -3.84 18.36 -2.64
C GLU A 82 -3.86 18.37 -2.80
N VAL A 83 -2.54 18.15 -2.88
CA VAL A 83 -1.95 16.83 -2.76
C VAL A 83 -0.62 16.87 -2.08
N SER A 84 -0.40 16.04 -1.08
CA SER A 84 0.87 15.94 -0.34
C SER A 84 2.06 15.78 -1.24
N GLU A 85 3.23 16.16 -0.74
N GLU A 85 3.23 16.18 -0.80
CA GLU A 85 4.43 16.07 -1.56
CA GLU A 85 4.38 16.10 -1.70
C GLU A 85 4.63 14.64 -2.04
C GLU A 85 4.75 14.63 -2.05
N GLN A 86 4.63 13.70 -1.10
CA GLN A 86 4.91 12.30 -1.42
C GLN A 86 3.88 11.74 -2.43
N ALA A 87 2.59 11.99 -2.19
CA ALA A 87 1.57 11.50 -3.13
C ALA A 87 1.73 12.14 -4.53
N THR A 88 2.12 13.40 -4.53
CA THR A 88 2.34 14.07 -5.78
C THR A 88 3.47 13.40 -6.58
N GLN A 89 4.60 13.21 -5.89
CA GLN A 89 5.77 12.66 -6.56
C GLN A 89 5.58 11.21 -6.99
N LEU A 90 4.81 10.44 -6.23
CA LEU A 90 4.51 9.05 -6.65
C LEU A 90 3.51 9.04 -7.78
N GLY A 91 2.63 10.03 -7.78
CA GLY A 91 1.54 10.11 -8.74
C GLY A 91 0.34 9.23 -8.34
N ALA A 92 0.17 8.98 -7.05
CA ALA A 92 -0.88 8.04 -6.56
C ALA A 92 -1.36 8.53 -5.20
N VAL A 93 -2.70 8.57 -5.05
CA VAL A 93 -3.36 8.93 -3.82
C VAL A 93 -4.28 7.79 -3.36
N ASN A 94 -4.18 7.41 -2.09
CA ASN A 94 -5.12 6.44 -1.52
C ASN A 94 -6.01 6.98 -0.42
N THR A 95 -5.80 8.26 -0.03
CA THR A 95 -6.47 8.86 1.13
C THR A 95 -6.77 10.33 0.79
N VAL A 96 -8.03 10.67 0.92
CA VAL A 96 -8.52 12.03 0.63
C VAL A 96 -9.19 12.57 1.91
N VAL A 97 -8.61 13.63 2.47
CA VAL A 97 -9.18 14.29 3.64
C VAL A 97 -10.12 15.37 3.10
N ILE A 98 -11.35 15.44 3.62
CA ILE A 98 -12.36 16.36 3.15
C ILE A 98 -12.67 17.25 4.36
N ASP A 99 -12.39 18.56 4.26
CA ASP A 99 -12.64 19.46 5.41
C ASP A 99 -14.11 19.92 5.42
N ALA A 100 -14.44 20.82 6.32
CA ALA A 100 -15.85 21.21 6.47
C ALA A 100 -16.52 21.87 5.23
N THR A 101 -15.77 22.45 4.26
CA THR A 101 -16.33 22.97 2.93
C THR A 101 -16.36 22.16 1.66
N GLY A 102 -15.83 20.94 1.76
CA GLY A 102 -15.66 20.08 0.67
C GLY A 102 -14.29 20.30 0.07
N HIS A 103 -13.35 21.08 0.70
CA HIS A 103 -11.97 21.09 0.18
C HIS A 103 -11.24 19.77 0.44
N THR A 104 -10.47 19.34 -0.57
CA THR A 104 -9.86 18.00 -0.56
C THR A 104 -8.32 18.08 -0.56
N THR A 105 -7.71 17.20 0.24
CA THR A 105 -6.30 16.99 0.24
C THR A 105 -5.99 15.50 0.11
N GLY A 106 -5.17 15.21 -0.87
CA GLY A 106 -4.70 13.84 -1.12
C GLY A 106 -3.43 13.47 -0.39
N HIS A 107 -3.36 12.22 0.06
CA HIS A 107 -2.24 11.67 0.73
C HIS A 107 -2.03 10.23 0.28
N ASN A 108 -0.90 9.64 0.65
CA ASN A 108 -0.62 8.25 0.34
C ASN A 108 -0.15 7.51 1.57
N THR A 109 -1.10 6.79 2.20
CA THR A 109 -0.81 6.04 3.39
C THR A 109 -0.37 4.59 3.07
N ASP A 110 -0.40 4.16 1.79
CA ASP A 110 0.32 2.94 1.42
C ASP A 110 1.80 3.15 1.64
N VAL A 111 2.33 4.31 1.24
CA VAL A 111 3.75 4.58 1.45
C VAL A 111 4.07 4.69 2.94
N SER A 112 3.33 5.54 3.67
CA SER A 112 3.63 5.70 5.08
C SER A 112 3.39 4.40 5.89
N GLY A 113 2.36 3.65 5.50
CA GLY A 113 2.04 2.38 6.10
C GLY A 113 3.13 1.36 5.98
N PHE A 114 3.58 1.15 4.75
CA PHE A 114 4.64 0.16 4.54
C PHE A 114 5.91 0.56 5.31
N GLY A 115 6.26 1.85 5.26
CA GLY A 115 7.41 2.37 6.02
C GLY A 115 7.29 2.11 7.48
N ARG A 116 6.10 2.37 8.05
CA ARG A 116 5.90 2.07 9.45
C ARG A 116 6.04 0.57 9.74
N GLY A 117 5.50 -0.29 8.87
CA GLY A 117 5.69 -1.72 9.04
C GLY A 117 7.14 -2.12 9.10
N MET A 118 7.99 -1.55 8.25
N MET A 118 7.98 -1.54 8.23
CA MET A 118 9.44 -1.84 8.28
CA MET A 118 9.43 -1.75 8.24
C MET A 118 10.09 -1.42 9.61
C MET A 118 9.98 -1.46 9.64
N GLU A 119 9.66 -0.27 10.15
CA GLU A 119 10.18 0.16 11.46
C GLU A 119 9.74 -0.80 12.56
N GLU A 120 8.49 -1.24 12.50
CA GLU A 120 7.87 -2.01 13.57
C GLU A 120 8.33 -3.46 13.52
N GLY A 121 8.47 -3.99 12.30
CA GLY A 121 8.70 -5.46 12.08
C GLY A 121 10.08 -5.87 11.62
N LEU A 122 10.85 -4.91 11.08
CA LEU A 122 12.22 -5.17 10.66
C LEU A 122 13.19 -4.08 11.14
N PRO A 123 13.17 -3.78 12.44
CA PRO A 123 13.99 -2.66 12.93
C PRO A 123 15.48 -2.86 12.69
N ASN A 124 15.99 -4.09 12.66
CA ASN A 124 17.41 -4.37 12.50
C ASN A 124 17.82 -4.82 11.10
N ALA A 125 16.91 -4.78 10.11
CA ALA A 125 17.24 -5.27 8.77
C ALA A 125 18.36 -4.47 8.11
N LYS A 126 19.18 -5.18 7.36
CA LYS A 126 20.21 -4.61 6.52
C LYS A 126 19.58 -4.18 5.21
N LEU A 127 19.82 -2.91 4.86
CA LEU A 127 19.08 -2.26 3.75
C LEU A 127 19.98 -1.82 2.56
N ASP A 128 21.24 -2.24 2.55
CA ASP A 128 22.12 -1.81 1.46
C ASP A 128 21.60 -2.22 0.04
N SER A 129 21.15 -3.46 -0.10
CA SER A 129 20.75 -3.97 -1.39
C SER A 129 19.49 -4.78 -1.19
N VAL A 130 18.43 -4.36 -1.85
CA VAL A 130 17.13 -5.07 -1.77
C VAL A 130 16.56 -5.31 -3.16
N VAL A 131 15.86 -6.43 -3.29
CA VAL A 131 15.18 -6.78 -4.53
C VAL A 131 13.68 -6.75 -4.28
N GLN A 132 12.94 -6.19 -5.21
CA GLN A 132 11.46 -6.22 -5.15
C GLN A 132 10.97 -6.85 -6.42
N VAL A 133 10.10 -7.85 -6.27
CA VAL A 133 9.54 -8.55 -7.42
C VAL A 133 8.10 -8.05 -7.53
N GLY A 134 7.80 -7.38 -8.64
CA GLY A 134 6.48 -6.82 -8.86
C GLY A 134 6.46 -5.28 -8.82
N ALA A 135 6.06 -4.68 -9.93
CA ALA A 135 6.01 -3.24 -10.14
C ALA A 135 4.62 -2.76 -10.54
N GLY A 136 3.57 -3.34 -9.98
CA GLY A 136 2.23 -2.76 -10.09
C GLY A 136 2.00 -1.58 -9.10
N GLY A 137 0.72 -1.32 -8.88
CA GLY A 137 0.29 -0.33 -7.93
C GLY A 137 0.91 -0.50 -6.58
N VAL A 138 0.74 -1.66 -5.96
CA VAL A 138 1.24 -1.75 -4.57
C VAL A 138 2.75 -1.63 -4.59
N GLY A 139 3.36 -2.21 -5.60
CA GLY A 139 4.79 -2.17 -5.72
C GLY A 139 5.31 -0.75 -5.83
N ASN A 140 4.57 0.15 -6.46
CA ASN A 140 5.04 1.49 -6.57
C ASN A 140 5.19 2.17 -5.17
N ALA A 141 4.17 2.01 -4.34
CA ALA A 141 4.21 2.53 -2.97
C ALA A 141 5.27 1.89 -2.07
N VAL A 142 5.40 0.57 -2.20
CA VAL A 142 6.41 -0.18 -1.44
C VAL A 142 7.83 0.31 -1.80
N ALA A 143 8.10 0.43 -3.09
CA ALA A 143 9.44 0.89 -3.53
C ALA A 143 9.77 2.27 -2.98
N TYR A 144 8.79 3.16 -3.01
CA TYR A 144 8.99 4.49 -2.47
C TYR A 144 9.32 4.45 -1.01
N ALA A 145 8.54 3.69 -0.25
CA ALA A 145 8.77 3.51 1.16
C ALA A 145 10.15 2.98 1.47
N LEU A 146 10.55 1.96 0.72
CA LEU A 146 11.87 1.33 0.94
C LEU A 146 13.01 2.35 0.80
N VAL A 147 13.01 3.10 -0.30
CA VAL A 147 14.20 3.96 -0.61
C VAL A 147 14.21 5.33 0.15
N THR A 148 13.06 5.67 0.72
CA THR A 148 12.99 6.81 1.68
C THR A 148 13.24 6.39 3.12
N HIS A 149 13.31 5.07 3.37
CA HIS A 149 13.53 4.47 4.68
C HIS A 149 14.93 3.79 4.67
N GLY A 150 15.90 4.31 3.90
CA GLY A 150 17.29 3.93 3.99
C GLY A 150 17.79 2.77 3.08
N VAL A 151 16.96 2.27 2.16
CA VAL A 151 17.45 1.29 1.17
C VAL A 151 18.34 2.05 0.19
N GLN A 152 19.58 1.62 0.03
N GLN A 152 19.58 1.60 0.13
CA GLN A 152 20.50 2.34 -0.88
CA GLN A 152 20.59 2.26 -0.68
C GLN A 152 20.26 2.03 -2.35
C GLN A 152 20.42 1.92 -2.16
N LYS A 153 20.20 0.74 -2.69
N LYS A 153 20.10 0.66 -2.42
CA LYS A 153 19.92 0.30 -4.05
CA LYS A 153 19.91 0.17 -3.78
C LYS A 153 18.83 -0.76 -4.02
C LYS A 153 18.70 -0.75 -3.81
N LEU A 154 17.74 -0.43 -4.68
CA LEU A 154 16.55 -1.30 -4.88
C LEU A 154 16.56 -1.74 -6.35
N GLN A 155 16.57 -3.07 -6.58
CA GLN A 155 16.44 -3.64 -7.92
C GLN A 155 15.01 -4.14 -8.00
N VAL A 156 14.26 -3.67 -8.99
CA VAL A 156 12.85 -4.05 -9.16
C VAL A 156 12.68 -4.83 -10.45
N ALA A 157 12.06 -6.01 -10.33
CA ALA A 157 11.81 -6.86 -11.49
C ALA A 157 10.32 -6.97 -11.66
N ASP A 158 9.90 -7.01 -12.91
CA ASP A 158 8.48 -7.30 -13.26
C ASP A 158 8.50 -8.07 -14.59
N LEU A 159 7.59 -9.01 -14.75
CA LEU A 159 7.45 -9.68 -16.04
C LEU A 159 7.29 -8.64 -17.15
N ASP A 160 6.59 -7.54 -16.86
CA ASP A 160 6.45 -6.44 -17.81
C ASP A 160 7.56 -5.45 -17.51
N THR A 161 8.52 -5.38 -18.42
N THR A 161 8.69 -5.61 -18.19
CA THR A 161 9.64 -4.50 -18.26
CA THR A 161 9.92 -4.82 -17.93
C THR A 161 9.20 -3.04 -18.25
C THR A 161 9.65 -3.33 -17.88
N SER A 162 8.16 -2.67 -19.00
N SER A 162 8.73 -2.89 -18.74
CA SER A 162 7.73 -1.26 -19.02
CA SER A 162 8.30 -1.48 -18.80
C SER A 162 7.36 -0.75 -17.65
C SER A 162 7.72 -0.92 -17.50
N ARG A 163 6.82 -1.64 -16.83
CA ARG A 163 6.35 -1.26 -15.51
C ARG A 163 7.52 -1.06 -14.57
N ALA A 164 8.50 -1.98 -14.63
CA ALA A 164 9.64 -1.84 -13.72
C ALA A 164 10.43 -0.58 -14.03
N GLN A 165 10.74 -0.32 -15.29
N GLN A 165 10.62 -0.29 -15.32
CA GLN A 165 11.49 0.91 -15.59
CA GLN A 165 11.35 0.88 -15.79
C GLN A 165 10.68 2.19 -15.26
C GLN A 165 10.68 2.21 -15.44
N ALA A 166 9.36 2.19 -15.51
CA ALA A 166 8.56 3.40 -15.23
C ALA A 166 8.57 3.67 -13.76
N LEU A 167 8.49 2.61 -12.96
N LEU A 167 8.56 2.63 -12.95
CA LEU A 167 8.60 2.68 -11.50
CA LEU A 167 8.54 2.80 -11.52
C LEU A 167 9.92 3.32 -11.14
C LEU A 167 9.94 3.28 -11.03
N ALA A 168 11.00 2.77 -11.63
CA ALA A 168 12.34 3.28 -11.29
C ALA A 168 12.43 4.76 -11.58
N ASP A 169 11.94 5.17 -12.75
CA ASP A 169 12.02 6.59 -13.11
C ASP A 169 11.25 7.50 -12.13
N VAL A 170 10.04 7.07 -11.76
N VAL A 170 10.06 7.07 -11.70
CA VAL A 170 9.18 7.84 -10.87
CA VAL A 170 9.21 7.94 -10.88
C VAL A 170 9.88 7.95 -9.52
C VAL A 170 9.77 7.96 -9.44
N ILE A 171 10.29 6.83 -8.93
CA ILE A 171 10.86 6.87 -7.60
C ILE A 171 12.17 7.67 -7.56
N ASN A 172 13.03 7.44 -8.55
CA ASN A 172 14.29 8.16 -8.57
C ASN A 172 14.08 9.64 -8.66
N ASN A 173 13.10 10.08 -9.43
CA ASN A 173 12.73 11.50 -9.46
C ASN A 173 12.23 11.98 -8.10
N ALA A 174 11.40 11.20 -7.43
CA ALA A 174 10.77 11.55 -6.16
C ALA A 174 11.80 11.73 -5.09
N VAL A 175 12.83 10.89 -5.10
CA VAL A 175 13.85 10.94 -4.04
C VAL A 175 15.11 11.64 -4.43
N GLY A 176 15.32 11.96 -5.70
CA GLY A 176 16.41 12.82 -6.11
C GLY A 176 17.71 12.06 -6.25
N ARG A 177 17.68 10.76 -6.51
CA ARG A 177 18.91 10.01 -6.71
C ARG A 177 18.55 8.73 -7.40
N GLU A 178 19.54 8.03 -7.91
N GLU A 178 19.55 8.07 -7.96
CA GLU A 178 19.29 6.77 -8.64
CA GLU A 178 19.35 6.76 -8.59
C GLU A 178 19.22 5.56 -7.69
C GLU A 178 19.31 5.66 -7.55
N ALA A 179 18.16 5.58 -6.90
CA ALA A 179 17.93 4.58 -5.86
C ALA A 179 17.50 3.25 -6.46
N VAL A 180 16.72 3.32 -7.55
CA VAL A 180 16.03 2.12 -8.10
C VAL A 180 16.56 1.82 -9.50
N VAL A 181 16.73 0.53 -9.77
CA VAL A 181 17.15 0.06 -11.08
C VAL A 181 16.19 -1.07 -11.46
N GLY A 182 15.59 -0.96 -12.65
CA GLY A 182 14.87 -2.07 -13.22
C GLY A 182 15.83 -3.21 -13.64
N VAL A 183 15.52 -4.45 -13.26
N VAL A 183 15.49 -4.45 -13.29
CA VAL A 183 16.30 -5.60 -13.71
CA VAL A 183 16.30 -5.65 -13.61
C VAL A 183 15.37 -6.64 -14.33
C VAL A 183 15.42 -6.77 -14.16
N ASP A 184 15.94 -7.55 -15.10
CA ASP A 184 15.13 -8.60 -15.68
C ASP A 184 14.46 -9.54 -14.66
N ALA A 185 13.23 -10.00 -14.92
CA ALA A 185 12.68 -11.08 -14.08
C ALA A 185 13.39 -12.42 -14.31
N ARG A 186 13.82 -12.64 -15.55
CA ARG A 186 14.52 -13.90 -15.86
C ARG A 186 15.86 -13.90 -15.17
N GLY A 187 16.13 -14.93 -14.36
CA GLY A 187 17.38 -15.02 -13.61
C GLY A 187 17.39 -14.18 -12.35
N ILE A 188 16.21 -13.80 -11.87
CA ILE A 188 16.13 -12.95 -10.70
C ILE A 188 16.70 -13.63 -9.48
N GLU A 189 16.72 -14.96 -9.48
CA GLU A 189 17.22 -15.70 -8.29
C GLU A 189 18.66 -15.32 -7.94
N ASP A 190 19.53 -15.17 -8.94
CA ASP A 190 20.91 -14.87 -8.64
C ASP A 190 21.06 -13.45 -8.10
N VAL A 191 20.20 -12.55 -8.57
CA VAL A 191 20.17 -11.17 -8.08
C VAL A 191 19.73 -11.16 -6.60
N ILE A 192 18.66 -11.87 -6.29
CA ILE A 192 18.20 -12.04 -4.91
C ILE A 192 19.28 -12.61 -4.01
N ALA A 193 19.94 -13.67 -4.49
CA ALA A 193 20.96 -14.33 -3.68
C ALA A 193 22.04 -13.42 -3.18
N ALA A 194 22.39 -12.42 -3.99
CA ALA A 194 23.43 -11.47 -3.68
C ALA A 194 22.95 -10.30 -2.85
N ALA A 195 21.67 -10.09 -2.69
CA ALA A 195 21.10 -8.98 -1.97
C ALA A 195 20.90 -9.27 -0.48
N ASP A 196 20.55 -8.22 0.29
CA ASP A 196 20.27 -8.35 1.70
C ASP A 196 18.81 -8.78 2.01
N GLY A 197 17.88 -8.45 1.14
CA GLY A 197 16.46 -8.72 1.37
C GLY A 197 15.69 -8.67 0.09
N VAL A 198 14.51 -9.30 0.16
CA VAL A 198 13.63 -9.32 -0.99
C VAL A 198 12.19 -9.21 -0.55
N VAL A 199 11.40 -8.50 -1.36
CA VAL A 199 9.99 -8.26 -1.12
C VAL A 199 9.20 -8.76 -2.31
N ASN A 200 8.20 -9.63 -2.04
CA ASN A 200 7.25 -10.00 -3.07
C ASN A 200 6.11 -8.94 -3.13
N ALA A 201 5.93 -8.36 -4.32
CA ALA A 201 4.84 -7.42 -4.57
C ALA A 201 4.01 -7.89 -5.77
N THR A 202 3.93 -9.21 -5.94
CA THR A 202 3.09 -9.88 -6.96
C THR A 202 1.91 -10.55 -6.26
N PRO A 203 0.93 -11.02 -7.05
CA PRO A 203 -0.13 -11.85 -6.51
C PRO A 203 0.29 -13.25 -6.09
N MET A 204 1.50 -13.69 -6.42
CA MET A 204 1.89 -15.07 -6.06
C MET A 204 1.78 -15.29 -4.57
N GLY A 205 1.22 -16.44 -4.21
CA GLY A 205 1.00 -16.81 -2.84
C GLY A 205 -0.46 -16.77 -2.44
N MET A 206 -1.25 -16.02 -3.19
CA MET A 206 -2.67 -15.92 -2.94
C MET A 206 -3.31 -17.29 -3.29
N PRO A 207 -4.49 -17.58 -2.73
CA PRO A 207 -5.18 -18.87 -3.02
C PRO A 207 -5.37 -19.11 -4.48
N ALA A 208 -5.67 -18.04 -5.21
CA ALA A 208 -5.94 -18.21 -6.60
C ALA A 208 -4.65 -18.10 -7.42
N HIS A 209 -3.50 -17.86 -6.77
CA HIS A 209 -2.20 -17.78 -7.44
C HIS A 209 -1.14 -18.55 -6.63
N PRO A 210 -1.33 -19.85 -6.47
CA PRO A 210 -0.49 -20.57 -5.55
C PRO A 210 0.94 -20.68 -6.02
N GLY A 211 1.87 -20.66 -5.06
CA GLY A 211 3.28 -20.74 -5.35
C GLY A 211 4.05 -19.48 -4.96
N THR A 212 5.19 -19.30 -5.62
CA THR A 212 6.08 -18.19 -5.38
C THR A 212 6.54 -17.52 -6.68
N ALA A 213 6.96 -16.25 -6.60
CA ALA A 213 7.37 -15.51 -7.78
C ALA A 213 8.77 -15.86 -8.23
N PHE A 214 9.53 -16.54 -7.37
CA PHE A 214 10.91 -16.95 -7.67
C PHE A 214 11.21 -18.23 -6.88
N ASP A 215 12.27 -18.95 -7.29
CA ASP A 215 12.66 -20.17 -6.61
C ASP A 215 13.24 -19.90 -5.24
N VAL A 216 12.57 -20.32 -4.16
CA VAL A 216 13.01 -20.01 -2.79
C VAL A 216 14.35 -20.61 -2.42
N SER A 217 14.85 -21.57 -3.22
CA SER A 217 16.20 -22.07 -2.99
C SER A 217 17.28 -20.97 -3.05
N CYS A 218 17.00 -19.80 -3.63
CA CYS A 218 17.98 -18.75 -3.66
C CYS A 218 18.14 -18.01 -2.32
N LEU A 219 17.22 -18.20 -1.40
CA LEU A 219 17.27 -17.58 -0.08
C LEU A 219 18.35 -18.23 0.78
N THR A 220 18.88 -17.43 1.69
CA THR A 220 19.76 -17.84 2.79
C THR A 220 19.21 -17.35 4.11
N LYS A 221 19.65 -17.99 5.19
CA LYS A 221 19.31 -17.61 6.54
C LYS A 221 19.52 -16.11 6.84
N ASP A 222 20.48 -15.48 6.18
CA ASP A 222 20.84 -14.10 6.43
C ASP A 222 19.91 -13.10 5.74
N HIS A 223 19.15 -13.54 4.74
CA HIS A 223 18.20 -12.63 4.10
C HIS A 223 17.07 -12.27 5.06
N TRP A 224 16.48 -11.11 4.84
CA TRP A 224 15.13 -10.85 5.28
C TRP A 224 14.19 -10.89 4.07
N VAL A 225 12.92 -11.22 4.36
CA VAL A 225 11.92 -11.43 3.29
C VAL A 225 10.61 -10.77 3.68
N GLY A 226 10.06 -9.98 2.77
CA GLY A 226 8.74 -9.38 2.96
C GLY A 226 7.76 -9.86 1.89
N ASP A 227 6.47 -9.73 2.19
CA ASP A 227 5.42 -10.12 1.25
C ASP A 227 4.29 -9.13 1.42
N VAL A 228 3.75 -8.64 0.32
CA VAL A 228 2.54 -7.85 0.34
C VAL A 228 1.26 -8.64 0.46
N VAL A 229 1.29 -9.91 0.12
CA VAL A 229 0.10 -10.70 0.22
C VAL A 229 -0.26 -10.87 1.71
N TYR A 230 -1.52 -10.66 2.07
CA TYR A 230 -1.91 -10.86 3.46
C TYR A 230 -2.94 -11.98 3.70
N MET A 231 -3.37 -12.64 2.63
N MET A 231 -3.43 -12.61 2.62
CA MET A 231 -4.23 -13.81 2.73
CA MET A 231 -4.32 -13.79 2.69
C MET A 231 -3.71 -14.85 1.77
C MET A 231 -3.72 -14.83 1.76
N PRO A 232 -3.09 -15.90 2.29
CA PRO A 232 -2.84 -16.20 3.71
C PRO A 232 -1.73 -15.32 4.27
N ILE A 233 -1.68 -15.15 5.59
CA ILE A 233 -0.60 -14.37 6.24
C ILE A 233 0.74 -15.06 6.03
N GLU A 234 0.79 -16.38 6.25
N GLU A 234 0.79 -16.38 6.19
CA GLU A 234 1.98 -17.17 6.00
CA GLU A 234 2.01 -17.11 5.97
C GLU A 234 1.90 -17.69 4.57
C GLU A 234 2.03 -17.73 4.59
N THR A 235 2.44 -16.90 3.64
CA THR A 235 2.56 -17.40 2.24
C THR A 235 3.66 -18.46 2.10
N GLU A 236 3.61 -19.20 1.00
CA GLU A 236 4.63 -20.23 0.71
C GLU A 236 6.02 -19.58 0.79
N LEU A 237 6.16 -18.35 0.26
CA LEU A 237 7.41 -17.61 0.36
C LEU A 237 7.84 -17.37 1.81
N LEU A 238 6.93 -16.84 2.62
CA LEU A 238 7.29 -16.54 4.02
C LEU A 238 7.55 -17.82 4.83
N LYS A 239 6.84 -18.90 4.54
CA LYS A 239 7.14 -20.21 5.16
C LYS A 239 8.54 -20.70 4.84
N ALA A 240 8.94 -20.57 3.57
CA ALA A 240 10.31 -20.93 3.20
C ALA A 240 11.35 -20.10 3.89
N ALA A 241 11.10 -18.81 4.02
CA ALA A 241 12.01 -17.91 4.67
C ALA A 241 12.13 -18.25 6.17
N ARG A 242 11.00 -18.47 6.81
CA ARG A 242 11.00 -18.86 8.21
C ARG A 242 11.74 -20.17 8.49
N ALA A 243 11.62 -21.10 7.55
CA ALA A 243 12.29 -22.37 7.68
C ALA A 243 13.77 -22.26 7.78
N LEU A 244 14.32 -21.22 7.15
CA LEU A 244 15.73 -20.95 7.19
C LEU A 244 16.17 -20.10 8.37
N GLY A 245 15.21 -19.46 9.05
CA GLY A 245 15.49 -18.58 10.20
C GLY A 245 15.51 -17.15 9.79
N CYS A 246 15.08 -16.80 8.59
CA CYS A 246 15.06 -15.38 8.15
C CYS A 246 14.04 -14.55 8.92
N GLU A 247 14.39 -13.27 9.15
CA GLU A 247 13.37 -12.30 9.58
C GLU A 247 12.38 -12.09 8.42
N THR A 248 11.13 -11.91 8.75
CA THR A 248 10.06 -11.80 7.76
C THR A 248 9.18 -10.59 8.12
N LEU A 249 8.61 -10.01 7.06
CA LEU A 249 7.67 -8.89 7.17
C LEU A 249 6.41 -9.37 6.43
N ASP A 250 5.36 -9.68 7.19
CA ASP A 250 4.14 -10.18 6.57
C ASP A 250 3.29 -8.97 6.10
N GLY A 251 2.33 -9.31 5.24
CA GLY A 251 1.57 -8.29 4.55
C GLY A 251 0.51 -7.60 5.38
N THR A 252 0.23 -8.13 6.55
CA THR A 252 -0.76 -7.49 7.39
C THR A 252 -0.23 -6.17 7.93
N ARG A 253 1.10 -6.01 8.01
CA ARG A 253 1.62 -4.79 8.66
C ARG A 253 1.26 -3.57 7.82
N MET A 254 1.53 -3.60 6.51
N MET A 254 1.53 -3.62 6.52
CA MET A 254 1.16 -2.50 5.65
CA MET A 254 1.21 -2.51 5.62
C MET A 254 -0.35 -2.34 5.66
C MET A 254 -0.32 -2.33 5.46
N ALA A 255 -1.07 -3.42 5.50
CA ALA A 255 -2.54 -3.32 5.45
C ALA A 255 -3.14 -2.56 6.68
N ILE A 256 -2.63 -2.86 7.85
CA ILE A 256 -3.11 -2.27 9.11
C ILE A 256 -2.65 -0.79 9.15
N HIS A 257 -1.35 -0.58 8.90
CA HIS A 257 -0.81 0.75 9.04
C HIS A 257 -1.32 1.77 8.02
N GLN A 258 -1.69 1.30 6.82
CA GLN A 258 -2.30 2.25 5.86
C GLN A 258 -3.60 2.78 6.45
N ALA A 259 -4.34 1.98 7.18
CA ALA A 259 -5.59 2.35 7.80
C ALA A 259 -5.36 3.18 9.07
N VAL A 260 -4.37 2.81 9.90
CA VAL A 260 -4.00 3.60 11.05
C VAL A 260 -3.72 5.04 10.56
N ASP A 261 -2.87 5.14 9.58
CA ASP A 261 -2.39 6.47 9.11
C ASP A 261 -3.55 7.28 8.48
N ALA A 262 -4.41 6.60 7.73
CA ALA A 262 -5.55 7.26 7.16
C ALA A 262 -6.51 7.75 8.26
N PHE A 263 -6.78 6.91 9.27
CA PHE A 263 -7.72 7.32 10.35
C PHE A 263 -7.20 8.59 11.03
N ARG A 264 -5.89 8.64 11.27
CA ARG A 264 -5.26 9.83 11.89
C ARG A 264 -5.52 11.05 11.00
N LEU A 265 -5.27 10.94 9.71
CA LEU A 265 -5.47 12.00 8.75
C LEU A 265 -6.92 12.47 8.69
N PHE A 266 -7.84 11.51 8.65
CA PHE A 266 -9.27 11.81 8.53
C PHE A 266 -9.84 12.57 9.74
N THR A 267 -9.37 12.23 10.93
CA THR A 267 -10.08 12.55 12.18
C THR A 267 -9.32 13.46 13.13
N GLY A 268 -7.99 13.52 13.02
CA GLY A 268 -7.14 14.18 13.98
C GLY A 268 -6.95 13.43 15.27
N LEU A 269 -7.50 12.23 15.39
CA LEU A 269 -7.37 11.42 16.57
C LEU A 269 -6.13 10.54 16.44
N GLU A 270 -5.55 10.11 17.56
CA GLU A 270 -4.42 9.19 17.52
C GLU A 270 -5.00 7.79 17.61
N PRO A 271 -4.92 7.01 16.52
CA PRO A 271 -5.50 5.69 16.53
C PRO A 271 -4.70 4.76 17.44
N ASP A 272 -5.39 3.79 18.00
CA ASP A 272 -4.77 2.71 18.74
C ASP A 272 -4.42 1.59 17.80
N VAL A 273 -3.13 1.45 17.50
CA VAL A 273 -2.66 0.44 16.56
C VAL A 273 -3.10 -0.97 16.95
N SER A 274 -2.99 -1.29 18.23
CA SER A 274 -3.35 -2.66 18.64
C SER A 274 -4.81 -2.98 18.41
N ARG A 275 -5.69 -2.02 18.63
CA ARG A 275 -7.11 -2.33 18.38
C ARG A 275 -7.38 -2.51 16.90
N MET A 276 -6.77 -1.67 16.05
CA MET A 276 -7.01 -1.79 14.59
C MET A 276 -6.41 -3.06 14.08
N ARG A 277 -5.24 -3.48 14.58
CA ARG A 277 -4.67 -4.80 14.27
C ARG A 277 -5.61 -5.94 14.67
N GLU A 278 -6.15 -5.89 15.89
CA GLU A 278 -7.10 -6.93 16.31
C GLU A 278 -8.35 -6.96 15.42
N THR A 279 -8.92 -5.82 15.02
CA THR A 279 -10.03 -5.83 14.07
C THR A 279 -9.65 -6.55 12.77
N PHE A 280 -8.51 -6.19 12.22
CA PHE A 280 -8.05 -6.77 10.98
C PHE A 280 -7.97 -8.31 11.02
N LEU A 281 -7.32 -8.80 12.07
CA LEU A 281 -7.08 -10.25 12.24
C LEU A 281 -8.37 -10.99 12.57
N SER A 282 -9.36 -10.28 13.13
CA SER A 282 -10.63 -10.93 13.46
C SER A 282 -11.51 -11.21 12.25
N LEU A 283 -11.13 -10.70 11.07
CA LEU A 283 -11.94 -10.84 9.86
C LEU A 283 -11.35 -11.82 8.85
PA NAD B . -0.88 -5.69 -10.04
O1A NAD B . -1.47 -6.93 -10.70
O2A NAD B . -1.23 -4.30 -10.54
O5B NAD B . 0.71 -5.81 -10.05
C5B NAD B . 1.41 -7.00 -9.76
C4B NAD B . 2.62 -7.04 -10.69
O4B NAD B . 3.23 -8.30 -10.47
C3B NAD B . 2.27 -6.95 -12.19
O3B NAD B . 2.87 -5.81 -12.83
C2B NAD B . 2.78 -8.29 -12.75
O2B NAD B . 3.31 -8.27 -14.08
C1B NAD B . 3.81 -8.66 -11.71
N9A NAD B . 4.13 -10.09 -11.63
C8A NAD B . 3.26 -11.12 -11.53
N7A NAD B . 3.93 -12.30 -11.48
C5A NAD B . 5.24 -11.99 -11.53
C6A NAD B . 6.37 -12.79 -11.48
N6A NAD B . 6.27 -14.15 -11.40
N1A NAD B . 7.54 -12.17 -11.53
C2A NAD B . 7.65 -10.81 -11.63
N3A NAD B . 6.55 -9.99 -11.68
C4A NAD B . 5.35 -10.62 -11.61
O3 NAD B . -1.28 -5.89 -8.48
PN NAD B . -1.15 -4.85 -7.31
O1N NAD B . 0.11 -4.04 -7.37
O2N NAD B . -2.42 -4.06 -7.23
O5D NAD B . -1.19 -5.92 -6.10
C5D NAD B . -0.22 -6.95 -5.89
C4D NAD B . -0.71 -7.80 -4.71
O4D NAD B . -0.69 -6.96 -3.57
C3D NAD B . -2.17 -8.24 -4.81
O3D NAD B . -2.26 -9.43 -5.58
C2D NAD B . -2.55 -8.42 -3.36
O2D NAD B . -2.29 -9.76 -2.93
C1D NAD B . -1.60 -7.48 -2.61
N1N NAD B . -2.20 -6.32 -1.96
C2N NAD B . -1.76 -6.11 -0.70
C3N NAD B . -2.22 -5.03 0.05
C7N NAD B . -1.69 -4.83 1.46
O7N NAD B . -2.02 -3.72 2.07
N7N NAD B . -0.91 -5.67 2.05
C4N NAD B . -3.14 -4.16 -0.53
C5N NAD B . -3.58 -4.38 -1.85
C6N NAD B . -3.08 -5.49 -2.55
#